data_8HW7
#
_entry.id   8HW7
#
_cell.length_a   46.911
_cell.length_b   69.599
_cell.length_c   50.685
_cell.angle_alpha   90.00
_cell.angle_beta   105.07
_cell.angle_gamma   90.00
#
_symmetry.space_group_name_H-M   'P 1 21 1'
#
loop_
_entity.id
_entity.type
_entity.pdbx_description
1 polymer Chitinase
2 branched 2-acetamido-2-deoxy-beta-D-glucopyranose-(1-4)-2-acetamido-2-deoxy-beta-D-glucopyranose
3 branched 2-acetamido-2-deoxy-beta-D-glucopyranose-(1-4)-2-acetamido-2-deoxy-beta-D-glucopyranose-(1-4)-2-acetamido-2-deoxy-beta-D-glucopyranose-(1-4)-2-acetamido-2-deoxy-beta-D-glucopyranose-(1-4)-2-acetamido-2-deoxy-beta-D-glucopyranose
4 water water
#
_entity_poly.entity_id   1
_entity_poly.type   'polypeptide(L)'
_entity_poly.pdbx_seq_one_letter_code
;MNRFFTLLFFVLFFNAAINFVSSHRIVGYYQGIRPLTNDQAKKLTHLILAFSTPDSQGNLSPLSSVLKQALKAGKSANGA
LKVMIAIGGGGFDPAIFTSLASNSGTRKSFINNIVSYLKTNELDGCDIAWAFPTSSDKAIFVTFLRDLKKAMAPSGAVLS
MASAASAFYLDPGYDLPGIESAVDFINVMCYDYYGSWTKTSTGPNSPLFKGGSADPSDTLNSNWTMNYHLMKVYNRAKLN
MGVPFYGKSWTNVGAPLNGDGLWRQLGTYGTELAWRNMGKSFDMTKTTYHKTAKTAYIYDTATKNFLTFDNPQSLKDKAK
YVAEKGIGGIMIWSIDQDDDKLSLLNSVSYHHHHHH
;
_entity_poly.pdbx_strand_id   A
#
# COMPACT_ATOMS: atom_id res chain seq x y z
N ARG A 25 11.21 9.88 1.79
CA ARG A 25 9.83 9.90 2.29
C ARG A 25 9.57 8.65 3.09
N ILE A 26 8.75 8.79 4.13
CA ILE A 26 8.14 7.66 4.82
C ILE A 26 6.66 7.97 4.84
N VAL A 27 5.89 7.29 3.99
CA VAL A 27 4.50 7.62 3.72
C VAL A 27 3.66 6.57 4.42
N GLY A 28 2.99 6.96 5.50
CA GLY A 28 2.25 5.94 6.24
C GLY A 28 0.75 6.03 6.02
N TYR A 29 0.14 5.01 5.42
CA TYR A 29 -1.32 4.93 5.41
C TYR A 29 -1.82 4.53 6.80
N TYR A 30 -3.06 4.93 7.10
CA TYR A 30 -3.61 4.78 8.44
C TYR A 30 -5.11 4.52 8.30
N GLN A 31 -5.59 3.42 8.94
CA GLN A 31 -6.95 2.92 8.77
C GLN A 31 -7.88 3.14 9.96
N GLY A 32 -7.39 3.68 11.07
CA GLY A 32 -8.27 3.82 12.23
C GLY A 32 -8.44 2.55 13.04
N ILE A 33 -7.46 1.66 13.01
CA ILE A 33 -7.50 0.46 13.86
C ILE A 33 -7.32 0.84 15.33
N ARG A 34 -6.50 1.83 15.58
CA ARG A 34 -6.20 2.31 16.93
C ARG A 34 -5.62 3.71 16.80
N PRO A 35 -5.61 4.51 17.88
CA PRO A 35 -5.11 5.89 17.78
C PRO A 35 -3.71 5.98 17.22
N LEU A 36 -3.48 7.06 16.47
CA LEU A 36 -2.15 7.42 16.04
C LEU A 36 -1.37 8.00 17.24
N THR A 37 -0.19 7.45 17.53
CA THR A 37 0.55 7.95 18.69
C THR A 37 1.49 9.08 18.32
N ASN A 38 1.87 9.85 19.35
CA ASN A 38 2.81 10.94 19.08
C ASN A 38 4.14 10.40 18.55
N ASP A 39 4.59 9.24 19.02
CA ASP A 39 5.84 8.66 18.52
C ASP A 39 5.73 8.26 17.05
N GLN A 40 4.59 7.68 16.64
CA GLN A 40 4.43 7.35 15.22
C GLN A 40 4.49 8.59 14.36
N ALA A 41 3.80 9.65 14.80
CA ALA A 41 3.70 10.86 13.97
C ALA A 41 5.08 11.40 13.60
N LYS A 42 6.04 11.31 14.52
CA LYS A 42 7.37 11.85 14.29
C LYS A 42 8.20 11.02 13.33
N LYS A 43 7.80 9.79 13.03
CA LYS A 43 8.59 8.93 12.16
C LYS A 43 8.14 8.98 10.72
N LEU A 44 7.11 9.75 10.42
CA LEU A 44 6.55 9.83 9.08
C LEU A 44 6.86 11.18 8.47
N THR A 45 6.92 11.21 7.13
CA THR A 45 6.84 12.49 6.43
C THR A 45 5.44 12.79 5.95
N HIS A 46 4.67 11.75 5.66
CA HIS A 46 3.30 11.88 5.19
C HIS A 46 2.44 10.84 5.89
N LEU A 47 1.25 11.25 6.30
CA LEU A 47 0.24 10.39 6.92
C LEU A 47 -0.97 10.39 6.00
N ILE A 48 -1.35 9.23 5.50
CA ILE A 48 -2.46 9.16 4.54
C ILE A 48 -3.62 8.45 5.24
N LEU A 49 -4.61 9.23 5.63
CA LEU A 49 -5.82 8.71 6.24
C LEU A 49 -6.60 7.93 5.20
N ALA A 50 -7.19 6.79 5.60
CA ALA A 50 -7.85 5.92 4.59
C ALA A 50 -9.16 5.40 5.21
N PHE A 51 -10.33 5.63 4.61
CA PHE A 51 -10.52 6.25 3.27
C PHE A 51 -11.69 7.22 3.34
N SER A 52 -11.79 8.09 2.35
CA SER A 52 -13.04 8.75 2.01
C SER A 52 -13.49 8.20 0.68
N THR A 53 -14.80 8.08 0.48
CA THR A 53 -15.23 7.58 -0.82
C THR A 53 -16.23 8.51 -1.49
N PRO A 54 -16.15 8.67 -2.79
CA PRO A 54 -17.11 9.52 -3.49
C PRO A 54 -18.35 8.72 -3.81
N ASP A 55 -19.50 9.42 -3.84
CA ASP A 55 -20.71 8.79 -4.34
C ASP A 55 -20.77 9.02 -5.84
N SER A 56 -21.84 8.49 -6.45
CA SER A 56 -21.99 8.56 -7.90
C SER A 56 -22.02 10.00 -8.40
N GLN A 57 -22.36 10.94 -7.53
CA GLN A 57 -22.35 12.37 -7.83
C GLN A 57 -21.00 13.06 -7.60
N GLY A 58 -20.03 12.45 -6.92
CA GLY A 58 -18.78 13.15 -6.67
C GLY A 58 -18.72 13.86 -5.34
N ASN A 59 -19.71 13.63 -4.48
CA ASN A 59 -19.66 14.11 -3.10
C ASN A 59 -18.77 13.17 -2.30
N LEU A 60 -17.87 13.71 -1.47
CA LEU A 60 -17.00 12.83 -0.69
C LEU A 60 -17.61 12.51 0.67
N SER A 61 -17.46 11.26 1.12
CA SER A 61 -17.98 10.88 2.43
C SER A 61 -17.28 11.69 3.54
N PRO A 62 -18.02 12.12 4.56
CA PRO A 62 -17.41 12.92 5.63
C PRO A 62 -16.28 12.14 6.29
N LEU A 63 -15.28 12.88 6.74
CA LEU A 63 -14.13 12.28 7.41
C LEU A 63 -14.62 11.65 8.72
N SER A 64 -14.30 10.37 8.91
CA SER A 64 -14.77 9.72 10.13
C SER A 64 -14.04 10.28 11.35
N SER A 65 -14.68 10.10 12.51
CA SER A 65 -14.11 10.51 13.79
C SER A 65 -12.71 9.95 14.01
N VAL A 66 -12.51 8.65 13.75
CA VAL A 66 -11.20 8.06 14.04
C VAL A 66 -10.14 8.66 13.15
N LEU A 67 -10.50 9.01 11.91
CA LEU A 67 -9.51 9.58 11.02
C LEU A 67 -9.23 11.03 11.40
N LYS A 68 -10.28 11.77 11.76
CA LYS A 68 -10.07 13.15 12.19
CA LYS A 68 -10.09 13.14 12.22
C LYS A 68 -9.18 13.20 13.43
N GLN A 69 -9.37 12.27 14.37
CA GLN A 69 -8.52 12.25 15.57
C GLN A 69 -7.06 12.07 15.19
N ALA A 70 -6.79 11.21 14.18
CA ALA A 70 -5.41 10.95 13.80
C ALA A 70 -4.80 12.18 13.13
N LEU A 71 -5.60 12.90 12.31
CA LEU A 71 -5.12 14.15 11.74
C LEU A 71 -4.62 15.08 12.85
N LYS A 72 -5.42 15.23 13.90
CA LYS A 72 -5.06 16.14 14.98
C LYS A 72 -3.84 15.63 15.76
N ALA A 73 -3.83 14.35 16.12
CA ALA A 73 -2.67 13.76 16.81
C ALA A 73 -1.39 13.95 15.98
N GLY A 74 -1.49 13.72 14.67
CA GLY A 74 -0.31 13.81 13.81
C GLY A 74 0.26 15.21 13.76
N LYS A 75 -0.58 16.19 13.48
CA LYS A 75 -0.10 17.56 13.38
C LYS A 75 0.38 18.08 14.73
N SER A 76 -0.25 17.63 15.82
CA SER A 76 0.20 18.10 17.14
C SER A 76 1.60 17.61 17.47
N ALA A 77 1.92 16.40 17.09
CA ALA A 77 3.19 15.80 17.42
C ALA A 77 4.27 16.11 16.39
N ASN A 78 3.90 16.48 15.17
CA ASN A 78 4.92 16.67 14.14
C ASN A 78 4.46 17.80 13.24
N GLY A 79 4.99 19.02 13.50
CA GLY A 79 4.53 20.14 12.71
C GLY A 79 4.97 20.12 11.25
N ALA A 80 5.85 19.19 10.85
CA ALA A 80 6.27 19.03 9.46
C ALA A 80 5.40 18.02 8.71
N LEU A 81 4.62 17.24 9.44
CA LEU A 81 3.87 16.13 8.85
C LEU A 81 2.81 16.64 7.89
N LYS A 82 2.72 16.02 6.71
CA LYS A 82 1.65 16.29 5.76
C LYS A 82 0.58 15.21 5.97
N VAL A 83 -0.67 15.63 6.23
CA VAL A 83 -1.76 14.70 6.45
C VAL A 83 -2.67 14.76 5.24
N MET A 84 -2.84 13.61 4.58
CA MET A 84 -3.59 13.51 3.34
C MET A 84 -4.77 12.56 3.51
N ILE A 85 -5.72 12.64 2.58
CA ILE A 85 -6.87 11.72 2.59
C ILE A 85 -6.78 10.82 1.37
N ALA A 86 -6.91 9.51 1.58
CA ALA A 86 -6.93 8.58 0.46
C ALA A 86 -8.38 8.42 0.05
N ILE A 87 -8.62 8.52 -1.25
CA ILE A 87 -9.98 8.55 -1.79
C ILE A 87 -10.16 7.27 -2.58
N GLY A 88 -11.16 6.47 -2.20
CA GLY A 88 -11.37 5.21 -2.88
C GLY A 88 -11.02 4.01 -2.03
N GLY A 89 -10.09 3.21 -2.51
CA GLY A 89 -9.56 2.10 -1.74
C GLY A 89 -9.97 0.75 -2.33
N GLY A 90 -9.38 -0.29 -1.72
CA GLY A 90 -9.55 -1.65 -2.25
C GLY A 90 -10.99 -2.12 -2.20
N GLY A 91 -11.76 -1.68 -1.22
CA GLY A 91 -13.16 -2.06 -1.28
C GLY A 91 -14.09 -1.21 -2.14
N PHE A 92 -13.59 -0.25 -2.91
CA PHE A 92 -14.43 0.76 -3.51
C PHE A 92 -14.65 0.47 -4.99
N ASP A 93 -15.90 0.60 -5.44
CA ASP A 93 -16.29 0.28 -6.82
C ASP A 93 -15.57 1.13 -7.86
N PRO A 94 -14.62 0.57 -8.60
CA PRO A 94 -13.85 1.39 -9.55
C PRO A 94 -14.72 1.97 -10.67
N ALA A 95 -15.93 1.43 -10.89
CA ALA A 95 -16.77 2.01 -11.94
C ALA A 95 -17.22 3.41 -11.59
N ILE A 96 -17.21 3.77 -10.30
CA ILE A 96 -17.60 5.13 -9.92
C ILE A 96 -16.51 6.12 -10.32
N PHE A 97 -15.24 5.74 -10.14
CA PHE A 97 -14.14 6.55 -10.66
C PHE A 97 -14.23 6.70 -12.16
N THR A 98 -14.52 5.60 -12.87
CA THR A 98 -14.69 5.68 -14.33
C THR A 98 -15.71 6.75 -14.70
N SER A 99 -16.85 6.75 -14.02
CA SER A 99 -17.94 7.64 -14.36
C SER A 99 -17.57 9.08 -14.08
N LEU A 100 -16.96 9.31 -12.90
CA LEU A 100 -16.64 10.67 -12.52
C LEU A 100 -15.57 11.24 -13.43
N ALA A 101 -14.56 10.44 -13.75
CA ALA A 101 -13.42 10.97 -14.45
C ALA A 101 -13.63 11.03 -15.96
N SER A 102 -14.59 10.28 -16.52
CA SER A 102 -14.65 10.21 -17.98
C SER A 102 -15.50 11.33 -18.60
N ASN A 103 -16.33 11.97 -17.79
CA ASN A 103 -17.20 13.06 -18.21
C ASN A 103 -16.55 14.35 -17.76
N SER A 104 -16.22 15.24 -18.70
CA SER A 104 -15.45 16.42 -18.35
C SER A 104 -16.19 17.31 -17.36
N GLY A 105 -17.52 17.29 -17.41
CA GLY A 105 -18.29 18.10 -16.46
C GLY A 105 -18.22 17.55 -15.04
N THR A 106 -18.40 16.24 -14.88
CA THR A 106 -18.36 15.66 -13.55
C THR A 106 -16.92 15.59 -13.05
N ARG A 107 -15.95 15.50 -13.97
CA ARG A 107 -14.56 15.57 -13.54
C ARG A 107 -14.27 16.91 -12.85
N LYS A 108 -14.72 17.99 -13.48
CA LYS A 108 -14.50 19.32 -12.93
C LYS A 108 -15.16 19.48 -11.56
N SER A 109 -16.41 19.03 -11.44
CA SER A 109 -17.10 19.21 -10.16
C SER A 109 -16.51 18.28 -9.08
N PHE A 110 -16.11 17.07 -9.45
CA PHE A 110 -15.45 16.20 -8.48
C PHE A 110 -14.15 16.82 -7.98
N ILE A 111 -13.37 17.41 -8.89
CA ILE A 111 -12.11 18.03 -8.48
C ILE A 111 -12.38 19.20 -7.55
N ASN A 112 -13.36 20.03 -7.88
CA ASN A 112 -13.70 21.15 -7.00
C ASN A 112 -14.13 20.68 -5.63
N ASN A 113 -14.89 19.57 -5.56
CA ASN A 113 -15.28 19.04 -4.27
C ASN A 113 -14.07 18.52 -3.50
N ILE A 114 -13.14 17.85 -4.20
CA ILE A 114 -11.94 17.37 -3.51
C ILE A 114 -11.19 18.54 -2.89
N VAL A 115 -10.97 19.61 -3.66
CA VAL A 115 -10.20 20.73 -3.13
C VAL A 115 -10.94 21.41 -1.98
N SER A 116 -12.28 21.54 -2.09
CA SER A 116 -13.08 22.08 -0.96
C SER A 116 -12.96 21.20 0.28
N TYR A 117 -13.01 19.89 0.09
CA TYR A 117 -12.87 18.92 1.18
C TYR A 117 -11.53 19.07 1.89
N LEU A 118 -10.46 19.26 1.14
CA LEU A 118 -9.16 19.49 1.78
C LEU A 118 -9.22 20.73 2.68
N LYS A 119 -9.84 21.79 2.19
CA LYS A 119 -9.91 23.03 2.96
C LYS A 119 -10.76 22.84 4.21
N THR A 120 -11.95 22.32 4.03
CA THR A 120 -12.88 22.16 5.15
C THR A 120 -12.30 21.27 6.26
N ASN A 121 -11.64 20.17 5.89
CA ASN A 121 -11.14 19.20 6.83
C ASN A 121 -9.67 19.43 7.22
N GLU A 122 -9.08 20.56 6.79
CA GLU A 122 -7.71 20.96 7.19
C GLU A 122 -6.67 19.90 6.78
N LEU A 123 -6.83 19.38 5.56
CA LEU A 123 -5.93 18.36 5.01
C LEU A 123 -4.89 19.02 4.12
N ASP A 124 -3.77 18.31 3.92
CA ASP A 124 -2.62 18.81 3.17
C ASP A 124 -2.52 18.20 1.78
N GLY A 125 -3.42 17.28 1.45
CA GLY A 125 -3.37 16.65 0.14
C GLY A 125 -4.26 15.42 0.08
N CYS A 126 -4.12 14.70 -1.03
CA CYS A 126 -4.98 13.52 -1.18
C CYS A 126 -4.25 12.50 -2.03
N ASP A 127 -4.64 11.25 -1.81
CA ASP A 127 -4.13 10.09 -2.54
C ASP A 127 -5.31 9.47 -3.29
N ILE A 128 -5.20 9.29 -4.60
CA ILE A 128 -6.25 8.58 -5.34
C ILE A 128 -5.92 7.09 -5.32
N ALA A 129 -6.83 6.29 -4.76
CA ALA A 129 -6.66 4.84 -4.60
C ALA A 129 -7.75 4.17 -5.45
N TRP A 130 -7.44 4.03 -6.73
CA TRP A 130 -8.41 3.48 -7.69
C TRP A 130 -8.05 2.04 -7.94
N ALA A 131 -8.87 1.11 -7.48
CA ALA A 131 -8.53 -0.30 -7.62
C ALA A 131 -9.59 -1.02 -8.47
N PHE A 132 -9.42 -1.09 -9.79
CA PHE A 132 -8.25 -0.66 -10.55
C PHE A 132 -8.70 -0.03 -11.87
N PRO A 133 -7.95 0.94 -12.40
CA PRO A 133 -8.29 1.44 -13.74
C PRO A 133 -8.13 0.34 -14.80
N THR A 134 -9.07 0.29 -15.76
CA THR A 134 -9.02 -0.63 -16.90
C THR A 134 -8.41 0.06 -18.13
N SER A 135 -8.31 -0.69 -19.24
CA SER A 135 -7.77 -0.10 -20.45
C SER A 135 -8.58 1.12 -20.88
N SER A 136 -9.91 1.10 -20.66
CA SER A 136 -10.76 2.23 -21.02
C SER A 136 -10.58 3.42 -20.10
N ASP A 137 -9.93 3.23 -18.95
CA ASP A 137 -9.67 4.30 -18.00
C ASP A 137 -8.29 4.91 -18.13
N LYS A 138 -7.39 4.28 -18.88
CA LYS A 138 -5.98 4.67 -18.80
C LYS A 138 -5.79 6.17 -19.08
N ALA A 139 -6.34 6.67 -20.18
CA ALA A 139 -6.08 8.07 -20.54
C ALA A 139 -6.89 9.03 -19.68
N ILE A 140 -8.14 8.69 -19.36
CA ILE A 140 -8.90 9.64 -18.54
C ILE A 140 -8.33 9.71 -17.13
N PHE A 141 -7.72 8.64 -16.63
CA PHE A 141 -7.10 8.71 -15.29
C PHE A 141 -6.01 9.77 -15.26
N VAL A 142 -5.19 9.79 -16.31
CA VAL A 142 -4.13 10.80 -16.42
C VAL A 142 -4.71 12.22 -16.48
N THR A 143 -5.77 12.41 -17.30
CA THR A 143 -6.40 13.74 -17.37
C THR A 143 -6.95 14.16 -16.02
N PHE A 144 -7.59 13.24 -15.31
CA PHE A 144 -8.11 13.54 -13.99
C PHE A 144 -7.01 13.98 -13.05
N LEU A 145 -5.90 13.24 -13.00
CA LEU A 145 -4.85 13.59 -12.05
C LEU A 145 -4.19 14.91 -12.43
N ARG A 146 -3.98 15.15 -13.73
CA ARG A 146 -3.42 16.42 -14.18
C ARG A 146 -4.32 17.58 -13.77
N ASP A 147 -5.63 17.45 -14.04
CA ASP A 147 -6.53 18.54 -13.71
C ASP A 147 -6.67 18.71 -12.21
N LEU A 148 -6.61 17.61 -11.47
CA LEU A 148 -6.67 17.72 -10.01
C LEU A 148 -5.44 18.46 -9.49
N LYS A 149 -4.26 18.11 -10.00
CA LYS A 149 -3.07 18.83 -9.53
C LYS A 149 -3.18 20.31 -9.81
N LYS A 150 -3.71 20.69 -10.98
CA LYS A 150 -3.82 22.13 -11.29
C LYS A 150 -4.66 22.85 -10.26
N ALA A 151 -5.72 22.19 -9.78
CA ALA A 151 -6.61 22.81 -8.82
C ALA A 151 -5.97 22.88 -7.44
N MET A 152 -5.08 21.93 -7.12
CA MET A 152 -4.42 21.85 -5.83
C MET A 152 -3.18 22.71 -5.73
N ALA A 153 -2.58 23.12 -6.87
CA ALA A 153 -1.23 23.70 -6.85
C ALA A 153 -1.13 25.01 -6.06
N PRO A 154 -2.06 25.96 -6.12
CA PRO A 154 -1.87 27.23 -5.36
C PRO A 154 -1.71 27.03 -3.87
N SER A 155 -2.43 26.05 -3.28
CA SER A 155 -2.32 25.79 -1.85
C SER A 155 -1.14 24.87 -1.51
N GLY A 156 -0.41 24.39 -2.52
CA GLY A 156 0.66 23.44 -2.25
C GLY A 156 0.16 22.08 -1.77
N ALA A 157 -1.09 21.74 -2.00
CA ALA A 157 -1.57 20.43 -1.53
C ALA A 157 -0.89 19.31 -2.30
N VAL A 158 -0.51 18.24 -1.58
CA VAL A 158 0.25 17.12 -2.14
C VAL A 158 -0.69 16.18 -2.86
N LEU A 159 -0.34 15.73 -4.07
CA LEU A 159 -1.17 14.75 -4.78
C LEU A 159 -0.41 13.43 -4.94
N SER A 160 -1.03 12.32 -4.55
CA SER A 160 -0.39 11.05 -4.84
C SER A 160 -1.42 10.10 -5.42
N MET A 161 -0.96 8.94 -5.87
CA MET A 161 -1.90 7.88 -6.20
C MET A 161 -1.22 6.55 -5.90
N ALA A 162 -2.05 5.51 -5.76
CA ALA A 162 -1.62 4.15 -5.47
C ALA A 162 -1.57 3.31 -6.77
N SER A 163 -0.48 2.59 -6.98
CA SER A 163 -0.33 1.83 -8.21
CA SER A 163 -0.26 1.83 -8.21
C SER A 163 -0.24 0.34 -7.92
N ALA A 164 -0.63 -0.47 -8.92
CA ALA A 164 -0.76 -1.91 -8.77
C ALA A 164 0.59 -2.60 -8.87
N ALA A 165 0.60 -3.92 -8.70
CA ALA A 165 1.85 -4.65 -8.55
C ALA A 165 2.13 -5.68 -9.62
N SER A 166 1.18 -5.97 -10.50
CA SER A 166 1.38 -6.96 -11.55
C SER A 166 1.07 -6.35 -12.92
N ALA A 167 1.66 -6.97 -13.95
CA ALA A 167 1.40 -6.51 -15.31
C ALA A 167 -0.06 -6.67 -15.68
N PHE A 168 -0.74 -7.68 -15.10
CA PHE A 168 -2.16 -7.89 -15.33
C PHE A 168 -2.97 -6.60 -15.19
N TYR A 169 -2.66 -5.81 -14.16
CA TYR A 169 -3.34 -4.53 -13.94
C TYR A 169 -2.57 -3.36 -14.52
N LEU A 170 -1.23 -3.39 -14.42
CA LEU A 170 -0.44 -2.21 -14.77
C LEU A 170 -0.46 -1.94 -16.28
N ASP A 171 -0.31 -2.98 -17.11
CA ASP A 171 -0.20 -2.72 -18.55
C ASP A 171 -1.46 -2.11 -19.13
N PRO A 172 -2.67 -2.61 -18.84
CA PRO A 172 -3.86 -1.95 -19.42
C PRO A 172 -4.21 -0.62 -18.79
N GLY A 173 -4.07 -0.45 -17.46
CA GLY A 173 -4.74 0.64 -16.78
C GLY A 173 -3.88 1.84 -16.44
N TYR A 174 -2.55 1.69 -16.49
CA TYR A 174 -1.64 2.68 -15.88
C TYR A 174 -0.66 3.22 -16.93
N ASP A 175 -0.79 4.49 -17.26
CA ASP A 175 0.16 5.17 -18.14
C ASP A 175 1.05 5.82 -17.09
N LEU A 176 2.12 5.14 -16.69
CA LEU A 176 2.98 5.62 -15.61
C LEU A 176 3.68 6.93 -15.96
N PRO A 177 4.15 7.18 -17.19
CA PRO A 177 4.70 8.53 -17.44
C PRO A 177 3.67 9.64 -17.32
N GLY A 178 2.45 9.42 -17.81
CA GLY A 178 1.40 10.42 -17.67
C GLY A 178 1.04 10.66 -16.21
N ILE A 179 0.89 9.58 -15.44
CA ILE A 179 0.60 9.70 -14.01
C ILE A 179 1.71 10.50 -13.32
N GLU A 180 2.96 10.12 -13.58
CA GLU A 180 4.11 10.80 -12.98
C GLU A 180 4.09 12.30 -13.24
N SER A 181 3.67 12.70 -14.43
CA SER A 181 3.65 14.10 -14.83
C SER A 181 2.63 14.90 -14.04
N ALA A 182 1.70 14.23 -13.36
CA ALA A 182 0.65 14.87 -12.59
C ALA A 182 0.91 14.87 -11.11
N VAL A 183 1.51 13.82 -10.55
CA VAL A 183 1.45 13.61 -9.11
C VAL A 183 2.79 13.97 -8.50
N ASP A 184 2.79 14.21 -7.18
CA ASP A 184 4.00 14.42 -6.39
C ASP A 184 4.71 13.10 -6.12
N PHE A 185 3.97 12.01 -5.93
CA PHE A 185 4.61 10.71 -5.84
C PHE A 185 3.59 9.60 -6.06
N ILE A 186 4.12 8.41 -6.34
CA ILE A 186 3.35 7.22 -6.67
C ILE A 186 3.61 6.21 -5.55
N ASN A 187 2.53 5.73 -4.92
CA ASN A 187 2.63 4.74 -3.84
C ASN A 187 2.45 3.34 -4.45
N VAL A 188 3.54 2.63 -4.63
CA VAL A 188 3.51 1.35 -5.36
C VAL A 188 3.17 0.22 -4.38
N MET A 189 2.06 -0.48 -4.62
CA MET A 189 1.53 -1.43 -3.63
C MET A 189 2.17 -2.83 -3.79
N CYS A 190 3.40 -2.96 -3.28
CA CYS A 190 4.20 -4.18 -3.40
C CYS A 190 3.83 -5.18 -2.31
N TYR A 191 2.62 -5.71 -2.41
CA TYR A 191 2.12 -6.71 -1.47
C TYR A 191 0.86 -7.33 -2.10
N ASP A 192 0.21 -8.26 -1.38
CA ASP A 192 -0.92 -9.02 -1.91
C ASP A 192 -0.50 -9.81 -3.14
N TYR A 193 0.74 -10.35 -3.10
CA TYR A 193 1.19 -11.20 -4.22
C TYR A 193 0.53 -12.57 -4.15
N TYR A 194 0.23 -13.05 -2.94
CA TYR A 194 -0.58 -14.25 -2.69
C TYR A 194 -1.78 -13.84 -1.84
N GLY A 195 -2.85 -14.62 -1.90
CA GLY A 195 -4.02 -14.26 -1.13
C GLY A 195 -5.14 -15.27 -1.26
N SER A 196 -6.33 -14.79 -0.99
CA SER A 196 -7.51 -15.66 -0.92
C SER A 196 -7.88 -16.23 -2.26
N TRP A 197 -7.45 -15.59 -3.35
CA TRP A 197 -7.69 -16.08 -4.71
C TRP A 197 -6.70 -17.16 -5.12
N THR A 198 -5.63 -17.38 -4.35
CA THR A 198 -4.56 -18.26 -4.82
C THR A 198 -4.98 -19.71 -4.70
N LYS A 199 -4.88 -20.45 -5.82
CA LYS A 199 -5.30 -21.84 -5.86
C LYS A 199 -4.15 -22.83 -5.92
N THR A 200 -2.92 -22.35 -6.12
CA THR A 200 -1.83 -23.26 -6.42
C THR A 200 -1.07 -23.74 -5.18
N SER A 201 -0.73 -22.83 -4.24
CA SER A 201 0.09 -23.18 -3.09
C SER A 201 0.02 -21.99 -2.14
N THR A 202 0.57 -22.18 -0.93
CA THR A 202 0.91 -21.00 -0.15
C THR A 202 2.01 -20.22 -0.84
N GLY A 203 2.25 -19.03 -0.34
CA GLY A 203 3.32 -18.24 -0.87
C GLY A 203 3.40 -16.92 -0.15
N PRO A 204 4.40 -16.11 -0.46
CA PRO A 204 4.66 -14.88 0.32
C PRO A 204 3.75 -13.71 -0.06
N ASN A 205 3.19 -13.06 0.97
CA ASN A 205 2.38 -11.86 0.73
C ASN A 205 3.22 -10.75 0.10
N SER A 206 4.49 -10.63 0.50
CA SER A 206 5.28 -9.48 0.06
C SER A 206 6.77 -9.81 0.20
N PRO A 207 7.31 -10.70 -0.63
CA PRO A 207 8.75 -10.94 -0.59
C PRO A 207 9.44 -9.78 -1.29
N LEU A 208 10.73 -9.61 -0.98
CA LEU A 208 11.48 -8.63 -1.74
C LEU A 208 11.87 -9.17 -3.11
N PHE A 209 12.30 -10.44 -3.19
CA PHE A 209 12.81 -11.00 -4.44
C PHE A 209 12.13 -12.32 -4.76
N LYS A 210 12.29 -12.73 -6.02
CA LYS A 210 12.10 -14.15 -6.38
C LYS A 210 12.91 -15.02 -5.44
N GLY A 211 12.35 -16.18 -5.07
CA GLY A 211 12.93 -17.01 -4.02
C GLY A 211 13.77 -18.19 -4.51
N GLY A 212 14.50 -18.02 -5.58
CA GLY A 212 15.39 -19.09 -6.02
C GLY A 212 14.70 -20.08 -6.93
N SER A 213 15.35 -21.21 -7.13
CA SER A 213 14.91 -22.12 -8.21
C SER A 213 13.59 -22.80 -7.91
N ALA A 214 13.18 -22.89 -6.64
CA ALA A 214 11.88 -23.50 -6.34
C ALA A 214 10.71 -22.55 -6.53
N ASP A 215 10.99 -21.28 -6.74
CA ASP A 215 9.92 -20.29 -6.85
C ASP A 215 9.21 -20.46 -8.17
N PRO A 216 7.90 -20.71 -8.18
CA PRO A 216 7.17 -20.88 -9.45
C PRO A 216 6.91 -19.58 -10.20
N SER A 217 7.30 -18.43 -9.65
CA SER A 217 6.99 -17.13 -10.22
C SER A 217 8.25 -16.30 -10.31
N ASP A 218 8.41 -15.60 -11.44
CA ASP A 218 9.44 -14.58 -11.56
C ASP A 218 8.95 -13.19 -11.14
N THR A 219 7.65 -12.97 -11.04
CA THR A 219 7.12 -11.61 -10.99
C THR A 219 6.39 -11.27 -9.69
N LEU A 220 6.07 -12.25 -8.83
CA LEU A 220 5.28 -11.98 -7.63
C LEU A 220 6.17 -11.51 -6.46
N ASN A 221 6.93 -10.45 -6.70
CA ASN A 221 7.85 -9.98 -5.68
C ASN A 221 8.06 -8.48 -5.86
N SER A 222 8.50 -7.82 -4.78
CA SER A 222 8.57 -6.35 -4.79
C SER A 222 9.58 -5.86 -5.81
N ASN A 223 10.70 -6.59 -5.94
CA ASN A 223 11.75 -6.18 -6.88
C ASN A 223 11.23 -6.17 -8.31
N TRP A 224 10.45 -7.18 -8.70
CA TRP A 224 9.91 -7.18 -10.06
C TRP A 224 8.98 -5.99 -10.25
N THR A 225 8.09 -5.74 -9.26
CA THR A 225 7.15 -4.63 -9.37
C THR A 225 7.89 -3.29 -9.45
N MET A 226 8.90 -3.10 -8.62
CA MET A 226 9.60 -1.82 -8.65
C MET A 226 10.39 -1.65 -9.94
N ASN A 227 11.05 -2.72 -10.40
CA ASN A 227 11.74 -2.64 -11.68
C ASN A 227 10.80 -2.27 -12.82
N TYR A 228 9.60 -2.84 -12.83
CA TYR A 228 8.62 -2.46 -13.85
C TYR A 228 8.40 -0.96 -13.83
N HIS A 229 8.20 -0.41 -12.62
CA HIS A 229 8.00 1.04 -12.50
C HIS A 229 9.27 1.81 -12.90
N LEU A 230 10.44 1.35 -12.46
CA LEU A 230 11.68 2.06 -12.77
C LEU A 230 11.92 2.16 -14.28
N MET A 231 11.54 1.12 -15.03
CA MET A 231 11.72 1.17 -16.48
C MET A 231 10.72 2.05 -17.19
N LYS A 232 9.63 2.44 -16.54
CA LYS A 232 8.61 3.26 -17.19
C LYS A 232 8.67 4.73 -16.80
N VAL A 233 9.01 5.08 -15.54
CA VAL A 233 8.94 6.47 -15.09
C VAL A 233 10.24 7.20 -15.45
N TYR A 234 10.11 8.51 -15.52
CA TYR A 234 11.26 9.36 -15.81
C TYR A 234 12.17 9.50 -14.61
N ASN A 235 11.60 9.79 -13.44
CA ASN A 235 12.41 10.08 -12.27
C ASN A 235 11.98 9.17 -11.13
N ARG A 236 12.85 8.20 -10.81
CA ARG A 236 12.51 7.24 -9.74
C ARG A 236 12.36 7.89 -8.37
N ALA A 237 12.84 9.13 -8.17
CA ALA A 237 12.58 9.81 -6.90
C ALA A 237 11.08 10.00 -6.67
N LYS A 238 10.26 9.89 -7.72
CA LYS A 238 8.82 10.04 -7.56
C LYS A 238 8.14 8.76 -7.08
N LEU A 239 8.87 7.67 -6.88
CA LEU A 239 8.27 6.39 -6.49
C LEU A 239 8.47 6.11 -5.01
N ASN A 240 7.45 5.52 -4.35
CA ASN A 240 7.59 4.92 -3.03
C ASN A 240 7.36 3.43 -3.15
N MET A 241 8.22 2.62 -2.55
CA MET A 241 7.97 1.17 -2.53
C MET A 241 7.09 0.87 -1.32
N GLY A 242 5.89 0.35 -1.60
CA GLY A 242 4.99 -0.03 -0.50
C GLY A 242 5.44 -1.28 0.24
N VAL A 243 5.26 -1.28 1.56
CA VAL A 243 5.53 -2.45 2.39
C VAL A 243 4.32 -2.69 3.29
N PRO A 244 3.99 -3.95 3.61
CA PRO A 244 2.81 -4.23 4.44
C PRO A 244 3.15 -4.39 5.90
N PHE A 245 2.30 -3.92 6.81
CA PHE A 245 2.44 -4.25 8.24
C PHE A 245 1.45 -5.33 8.67
N TYR A 246 1.04 -6.17 7.72
CA TYR A 246 0.12 -7.25 7.95
C TYR A 246 0.67 -8.47 7.21
N GLY A 247 0.08 -9.62 7.50
CA GLY A 247 0.40 -10.86 6.80
C GLY A 247 -0.85 -11.67 6.55
N LYS A 248 -0.72 -12.90 6.08
CA LYS A 248 -1.86 -13.73 5.75
C LYS A 248 -1.65 -15.14 6.24
N SER A 249 -2.75 -15.81 6.55
CA SER A 249 -2.70 -17.18 7.05
C SER A 249 -3.51 -18.12 6.17
N TRP A 250 -3.08 -19.40 6.18
CA TRP A 250 -3.84 -20.53 5.67
C TRP A 250 -3.86 -21.60 6.76
N THR A 251 -4.89 -22.44 6.78
CA THR A 251 -4.89 -23.57 7.70
C THR A 251 -4.88 -24.87 6.89
N ASN A 252 -4.66 -25.99 7.59
CA ASN A 252 -4.63 -27.33 6.96
C ASN A 252 -3.66 -27.37 5.78
N VAL A 253 -2.52 -26.75 5.95
CA VAL A 253 -1.50 -26.67 4.91
C VAL A 253 -0.63 -27.92 4.96
N GLY A 254 -0.29 -28.46 3.80
CA GLY A 254 0.52 -29.68 3.72
C GLY A 254 1.97 -29.45 3.38
N ALA A 255 2.53 -30.36 2.58
CA ALA A 255 3.95 -30.46 2.30
C ALA A 255 4.41 -29.43 1.27
N PRO A 256 5.71 -29.12 1.24
CA PRO A 256 6.25 -28.28 0.16
C PRO A 256 5.99 -28.89 -1.20
N LEU A 257 5.79 -28.02 -2.20
CA LEU A 257 5.54 -28.51 -3.56
C LEU A 257 6.82 -29.01 -4.22
N ASN A 258 7.94 -28.35 -3.96
CA ASN A 258 9.20 -28.61 -4.67
C ASN A 258 10.38 -28.39 -3.74
N GLY A 259 10.30 -28.90 -2.52
CA GLY A 259 11.46 -28.87 -1.65
C GLY A 259 11.64 -27.62 -0.81
N ASP A 260 10.81 -26.60 -0.97
CA ASP A 260 10.97 -25.33 -0.26
C ASP A 260 9.69 -25.02 0.50
N GLY A 261 9.81 -24.86 1.82
CA GLY A 261 8.63 -24.78 2.66
C GLY A 261 7.82 -23.50 2.54
N LEU A 262 8.25 -22.53 1.74
CA LEU A 262 7.44 -21.33 1.49
C LEU A 262 6.22 -21.65 0.60
N TRP A 263 6.32 -22.63 -0.31
CA TRP A 263 5.24 -22.94 -1.26
C TRP A 263 4.77 -24.36 -0.95
N ARG A 264 3.61 -24.46 -0.28
CA ARG A 264 3.10 -25.70 0.28
C ARG A 264 1.71 -26.02 -0.24
N GLN A 265 1.36 -27.30 -0.22
CA GLN A 265 0.04 -27.71 -0.68
C GLN A 265 -1.07 -27.08 0.15
N LEU A 266 -2.14 -26.63 -0.48
CA LEU A 266 -3.29 -26.04 0.19
C LEU A 266 -4.23 -27.16 0.62
N GLY A 267 -5.02 -26.97 1.66
CA GLY A 267 -5.08 -25.78 2.47
C GLY A 267 -6.28 -24.91 2.27
N THR A 268 -6.63 -24.17 3.31
CA THR A 268 -7.74 -23.28 3.31
C THR A 268 -7.32 -21.88 3.78
N TYR A 269 -7.67 -20.88 3.01
CA TYR A 269 -7.33 -19.54 3.35
C TYR A 269 -7.88 -19.15 4.71
N GLY A 270 -7.07 -18.44 5.48
CA GLY A 270 -7.42 -17.97 6.81
C GLY A 270 -7.92 -16.55 6.71
N THR A 271 -7.01 -15.59 6.94
CA THR A 271 -7.38 -14.18 6.87
C THR A 271 -6.10 -13.35 6.78
N GLU A 272 -6.30 -12.04 6.74
CA GLU A 272 -5.20 -11.07 6.83
C GLU A 272 -5.08 -10.65 8.29
N LEU A 273 -3.90 -10.77 8.83
CA LEU A 273 -3.64 -10.46 10.25
C LEU A 273 -2.68 -9.28 10.34
N ALA A 274 -3.03 -8.27 11.13
CA ALA A 274 -2.10 -7.21 11.46
C ALA A 274 -0.93 -7.78 12.24
N TRP A 275 0.27 -7.23 11.99
CA TRP A 275 1.44 -7.64 12.76
C TRP A 275 1.17 -7.68 14.26
N ARG A 276 0.46 -6.67 14.77
CA ARG A 276 0.26 -6.55 16.21
C ARG A 276 -0.52 -7.73 16.76
N ASN A 277 -1.24 -8.48 15.91
CA ASN A 277 -2.05 -9.61 16.38
C ASN A 277 -1.42 -10.97 16.12
N MET A 278 -0.30 -11.02 15.42
CA MET A 278 0.27 -12.31 14.99
C MET A 278 0.80 -13.09 16.19
N GLY A 279 1.56 -12.43 17.06
CA GLY A 279 2.31 -13.18 18.06
C GLY A 279 1.43 -13.78 19.12
N LYS A 280 0.19 -13.29 19.24
CA LYS A 280 -0.78 -13.90 20.13
C LYS A 280 -1.35 -15.22 19.63
N SER A 281 -1.27 -15.46 18.34
CA SER A 281 -1.83 -16.64 17.70
C SER A 281 -0.81 -17.56 17.06
N PHE A 282 0.40 -17.09 16.80
CA PHE A 282 1.48 -17.89 16.25
C PHE A 282 2.70 -17.76 17.13
N ASP A 283 3.52 -18.81 17.17
CA ASP A 283 4.76 -18.80 17.93
C ASP A 283 5.86 -18.18 17.07
N MET A 284 6.18 -16.93 17.31
CA MET A 284 7.11 -16.22 16.42
C MET A 284 8.53 -16.73 16.50
N THR A 285 8.87 -17.52 17.53
CA THR A 285 10.19 -18.14 17.56
C THR A 285 10.36 -19.17 16.45
N LYS A 286 9.27 -19.61 15.83
CA LYS A 286 9.33 -20.55 14.73
C LYS A 286 9.49 -19.85 13.38
N THR A 287 9.71 -18.54 13.38
CA THR A 287 9.86 -17.82 12.12
C THR A 287 10.98 -18.44 11.27
N THR A 288 10.66 -18.72 9.99
CA THR A 288 11.65 -19.00 8.95
C THR A 288 11.86 -17.74 8.13
N TYR A 289 13.12 -17.28 8.03
CA TYR A 289 13.45 -16.15 7.16
C TYR A 289 14.04 -16.70 5.86
N HIS A 290 13.32 -16.53 4.76
CA HIS A 290 13.78 -17.03 3.47
C HIS A 290 14.94 -16.17 3.01
N LYS A 291 16.14 -16.75 2.89
CA LYS A 291 17.32 -15.90 2.65
C LYS A 291 17.40 -15.41 1.22
N THR A 292 16.70 -16.05 0.29
CA THR A 292 16.76 -15.60 -1.09
C THR A 292 15.64 -14.61 -1.41
N ALA A 293 14.40 -14.99 -1.04
CA ALA A 293 13.25 -14.13 -1.25
C ALA A 293 13.26 -12.92 -0.33
N LYS A 294 13.93 -12.99 0.83
CA LYS A 294 13.86 -11.98 1.89
C LYS A 294 12.41 -11.78 2.32
N THR A 295 11.89 -12.81 2.96
CA THR A 295 10.51 -12.81 3.42
C THR A 295 10.43 -13.75 4.61
N ALA A 296 9.45 -13.52 5.52
CA ALA A 296 9.28 -14.32 6.74
C ALA A 296 8.03 -15.17 6.65
N TYR A 297 8.14 -16.41 7.13
CA TYR A 297 6.94 -17.22 7.22
C TYR A 297 7.04 -18.19 8.38
N ILE A 298 5.91 -18.72 8.77
CA ILE A 298 5.85 -19.75 9.81
C ILE A 298 5.02 -20.87 9.26
N TYR A 299 5.58 -22.08 9.23
CA TYR A 299 4.76 -23.27 9.08
C TYR A 299 4.84 -24.05 10.39
N ASP A 300 3.69 -24.25 11.00
CA ASP A 300 3.61 -24.92 12.30
C ASP A 300 3.25 -26.38 12.04
N THR A 301 4.21 -27.28 12.22
CA THR A 301 3.98 -28.68 11.95
C THR A 301 2.98 -29.30 12.92
N ALA A 302 2.80 -28.73 14.13
CA ALA A 302 1.81 -29.28 15.07
C ALA A 302 0.38 -28.97 14.63
N THR A 303 0.13 -27.78 14.08
CA THR A 303 -1.22 -27.36 13.77
C THR A 303 -1.55 -27.35 12.28
N LYS A 304 -0.51 -27.36 11.42
CA LYS A 304 -0.59 -27.19 9.97
C LYS A 304 -0.99 -25.77 9.56
N ASN A 305 -0.90 -24.82 10.49
CA ASN A 305 -1.14 -23.41 10.19
C ASN A 305 0.08 -22.82 9.50
N PHE A 306 -0.18 -21.87 8.60
CA PHE A 306 0.88 -21.19 7.85
C PHE A 306 0.63 -19.70 7.94
N LEU A 307 1.69 -18.92 8.13
CA LEU A 307 1.61 -17.47 8.20
C LEU A 307 2.71 -16.86 7.32
N THR A 308 2.32 -16.01 6.36
CA THR A 308 3.31 -15.24 5.62
C THR A 308 3.22 -13.81 6.10
N PHE A 309 4.37 -13.17 6.34
CA PHE A 309 4.31 -11.84 6.97
C PHE A 309 5.59 -11.05 6.73
N ASP A 310 5.56 -9.78 7.15
CA ASP A 310 6.75 -8.94 7.19
C ASP A 310 7.13 -8.72 8.63
N ASN A 311 8.42 -8.70 8.87
CA ASN A 311 8.89 -8.51 10.24
C ASN A 311 10.06 -7.51 10.23
N PRO A 312 10.68 -7.23 11.37
CA PRO A 312 11.77 -6.25 11.34
C PRO A 312 12.86 -6.58 10.34
N GLN A 313 13.19 -7.85 10.15
CA GLN A 313 14.27 -8.20 9.22
C GLN A 313 13.88 -7.93 7.78
N SER A 314 12.67 -8.35 7.39
CA SER A 314 12.23 -8.14 6.01
C SER A 314 12.14 -6.66 5.69
N LEU A 315 11.74 -5.86 6.67
CA LEU A 315 11.61 -4.42 6.44
C LEU A 315 12.99 -3.77 6.38
N LYS A 316 13.93 -4.25 7.19
CA LYS A 316 15.30 -3.74 7.08
C LYS A 316 15.87 -4.05 5.70
N ASP A 317 15.68 -5.28 5.21
CA ASP A 317 16.19 -5.61 3.88
C ASP A 317 15.51 -4.75 2.81
N LYS A 318 14.23 -4.41 3.02
CA LYS A 318 13.51 -3.60 2.02
C LYS A 318 13.96 -2.15 2.06
N ALA A 319 14.20 -1.60 3.25
CA ALA A 319 14.70 -0.23 3.34
C ALA A 319 16.07 -0.11 2.69
N LYS A 320 16.91 -1.14 2.88
CA LYS A 320 18.22 -1.19 2.24
C LYS A 320 18.10 -1.18 0.73
N TYR A 321 17.15 -1.97 0.21
CA TYR A 321 16.91 -2.02 -1.23
C TYR A 321 16.48 -0.66 -1.76
N VAL A 322 15.55 -0.01 -1.07
CA VAL A 322 15.08 1.30 -1.50
C VAL A 322 16.25 2.29 -1.62
N ALA A 323 17.10 2.31 -0.59
CA ALA A 323 18.27 3.18 -0.63
C ALA A 323 19.19 2.81 -1.79
N GLU A 324 19.44 1.51 -1.99
CA GLU A 324 20.38 1.07 -3.02
C GLU A 324 19.92 1.44 -4.42
N LYS A 325 18.61 1.36 -4.67
CA LYS A 325 18.02 1.66 -5.97
C LYS A 325 17.72 3.14 -6.18
N GLY A 326 17.87 3.98 -5.16
CA GLY A 326 17.55 5.38 -5.32
C GLY A 326 16.06 5.64 -5.43
N ILE A 327 15.25 4.73 -4.91
CA ILE A 327 13.80 4.95 -4.88
C ILE A 327 13.51 6.08 -3.90
N GLY A 328 12.50 6.89 -4.23
CA GLY A 328 12.25 8.12 -3.48
C GLY A 328 11.71 7.93 -2.06
N GLY A 329 11.12 6.80 -1.75
CA GLY A 329 10.66 6.64 -0.38
C GLY A 329 10.08 5.26 -0.15
N ILE A 330 9.58 5.08 1.07
CA ILE A 330 8.87 3.86 1.50
C ILE A 330 7.45 4.25 1.87
N MET A 331 6.48 3.47 1.38
CA MET A 331 5.09 3.60 1.78
C MET A 331 4.73 2.41 2.64
N ILE A 332 3.84 2.62 3.61
CA ILE A 332 3.43 1.56 4.55
C ILE A 332 1.93 1.39 4.49
N TRP A 333 1.47 0.15 4.34
CA TRP A 333 0.08 -0.21 4.59
C TRP A 333 -0.01 -1.24 5.68
N SER A 334 -0.53 -0.92 6.88
CA SER A 334 -0.83 0.44 7.32
C SER A 334 -0.19 0.58 8.73
N ILE A 335 0.13 1.80 9.16
CA ILE A 335 1.00 1.95 10.33
C ILE A 335 0.31 1.53 11.61
N ASP A 336 -1.03 1.60 11.65
CA ASP A 336 -1.76 1.20 12.85
C ASP A 336 -1.80 -0.30 13.05
N GLN A 337 -1.36 -1.08 12.07
CA GLN A 337 -1.21 -2.53 12.25
C GLN A 337 0.04 -2.91 13.03
N ASP A 338 0.97 -1.96 13.24
CA ASP A 338 2.20 -2.20 13.98
C ASP A 338 1.87 -2.47 15.46
N ASP A 339 2.82 -3.11 16.16
CA ASP A 339 2.58 -3.33 17.60
C ASP A 339 2.78 -2.03 18.40
N ASP A 340 2.45 -2.11 19.70
CA ASP A 340 2.49 -0.93 20.57
C ASP A 340 3.90 -0.35 20.69
N LYS A 341 4.93 -1.18 20.56
CA LYS A 341 6.32 -0.72 20.63
C LYS A 341 6.89 -0.26 19.29
N LEU A 342 6.08 -0.20 18.23
CA LEU A 342 6.51 0.22 16.90
C LEU A 342 7.66 -0.64 16.36
N SER A 343 7.60 -1.96 16.55
CA SER A 343 8.68 -2.83 16.04
C SER A 343 8.88 -2.64 14.53
N LEU A 344 7.80 -2.57 13.78
CA LEU A 344 7.94 -2.49 12.33
C LEU A 344 8.33 -1.09 11.89
N LEU A 345 7.67 -0.06 12.41
CA LEU A 345 7.98 1.29 11.96
C LEU A 345 9.39 1.68 12.39
N ASN A 346 9.83 1.20 13.56
CA ASN A 346 11.19 1.52 14.00
C ASN A 346 12.21 0.80 13.15
N SER A 347 11.86 -0.35 12.58
CA SER A 347 12.79 -1.02 11.70
C SER A 347 12.93 -0.26 10.37
N VAL A 348 11.82 0.20 9.80
CA VAL A 348 11.88 1.10 8.64
C VAL A 348 12.61 2.39 9.02
N SER A 349 12.24 2.96 10.16
CA SER A 349 12.75 4.27 10.56
C SER A 349 14.26 4.23 10.88
N TYR A 350 14.68 3.28 11.71
CA TYR A 350 16.09 3.24 12.10
C TYR A 350 16.98 2.81 10.93
#